data_2FQW
#
_entry.id   2FQW
#
_cell.length_a   56.216
_cell.length_b   69.291
_cell.length_c   69.479
_cell.angle_alpha   90.00
_cell.angle_beta   90.00
_cell.angle_gamma   90.00
#
_symmetry.space_group_name_H-M   'P 21 21 21'
#
loop_
_entity.id
_entity.type
_entity.pdbx_description
1 polymer 'Membrane lipoprotein tmpC'
2 non-polymer INOSINE
3 water water
#
_entity_poly.entity_id   1
_entity_poly.type   'polypeptide(L)'
_entity_poly.pdbx_seq_one_letter_code
;EGGDFVVGMVTDSGDIDDKSFNQQVWEGISRFAQENNAKCKYVTASTDAEYVPSLSAFADENMGLVVACGSFLVEAVIET
SARFPKQKFLVIDAVVQDRDNVVSAVFGQNEGSFLVGVAAALKAKEAGKSAVGFIVGMELGMMPLFEAGFEAGVKAVDPD
IQVVVEVANTFSDPQKGQALAAKLYDSGVNVIFQVAGGTGNGVIKEARDRRLNGQDVWVIGVDRDQYMDGVYDGSKSVVL
TSMVKRADVAAERISKMAYDGSFPGGQSIMFGLEDKAVGIPEENPNLSSAVMEKIRSFEEKIVSKEIVVPVRSARMMN
;
_entity_poly.pdbx_strand_id   A
#
# COMPACT_ATOMS: atom_id res chain seq x y z
N GLY A 3 -6.91 29.59 -14.39
CA GLY A 3 -5.48 29.89 -14.75
C GLY A 3 -4.61 28.67 -15.01
N ASP A 4 -4.99 27.52 -14.44
CA ASP A 4 -4.19 26.32 -14.64
C ASP A 4 -5.03 25.06 -14.57
N PHE A 5 -4.47 23.99 -15.10
CA PHE A 5 -5.12 22.68 -15.02
C PHE A 5 -4.79 22.31 -13.55
N VAL A 6 -5.79 21.93 -12.77
CA VAL A 6 -5.57 21.63 -11.37
C VAL A 6 -6.02 20.22 -10.97
N VAL A 7 -5.18 19.52 -10.21
CA VAL A 7 -5.54 18.22 -9.69
C VAL A 7 -5.74 18.37 -8.16
N GLY A 8 -6.89 17.96 -7.66
CA GLY A 8 -7.19 18.07 -6.25
C GLY A 8 -7.36 16.71 -5.59
N MET A 9 -6.60 16.47 -4.53
CA MET A 9 -6.62 15.19 -3.82
C MET A 9 -7.44 15.30 -2.53
N VAL A 10 -8.32 14.33 -2.33
CA VAL A 10 -9.11 14.25 -1.09
C VAL A 10 -8.76 12.92 -0.41
N THR A 11 -8.29 12.99 0.84
CA THR A 11 -7.98 11.76 1.54
C THR A 11 -8.74 11.68 2.86
N ASP A 12 -8.84 10.48 3.41
CA ASP A 12 -9.52 10.28 4.69
C ASP A 12 -8.48 10.48 5.81
N SER A 13 -7.22 10.61 5.42
CA SER A 13 -6.15 10.81 6.38
C SER A 13 -5.81 12.27 6.64
N GLY A 14 -5.45 12.58 7.87
CA GLY A 14 -5.04 13.95 8.19
C GLY A 14 -3.55 14.13 7.87
N ASP A 15 -2.92 13.16 7.20
CA ASP A 15 -1.49 13.24 6.92
C ASP A 15 -0.94 12.83 5.54
N ILE A 16 -0.39 13.79 4.80
CA ILE A 16 0.19 13.46 3.50
C ILE A 16 1.68 13.09 3.66
N ASP A 17 2.20 13.17 4.88
CA ASP A 17 3.61 12.83 5.12
C ASP A 17 3.67 11.57 5.99
N ASP A 18 2.79 10.62 5.69
CA ASP A 18 2.70 9.35 6.42
C ASP A 18 3.83 8.36 6.07
N LYS A 19 4.81 8.80 5.28
CA LYS A 19 5.95 7.91 4.87
C LYS A 19 5.48 6.68 4.14
N SER A 20 4.25 6.70 3.63
CA SER A 20 3.74 5.54 2.94
C SER A 20 2.73 5.85 1.85
N PHE A 21 1.49 5.41 2.01
CA PHE A 21 0.46 5.56 0.99
C PHE A 21 0.02 6.96 0.58
N ASN A 22 -0.41 7.79 1.53
CA ASN A 22 -0.82 9.14 1.14
C ASN A 22 0.36 9.95 0.60
N GLN A 23 1.55 9.72 1.14
CA GLN A 23 2.73 10.39 0.68
C GLN A 23 3.02 9.99 -0.78
N GLN A 24 2.85 8.71 -1.14
CA GLN A 24 3.11 8.29 -2.53
C GLN A 24 2.10 8.97 -3.47
N VAL A 25 0.82 8.99 -3.08
CA VAL A 25 -0.18 9.60 -3.98
C VAL A 25 0.09 11.07 -4.20
N TRP A 26 0.36 11.81 -3.12
CA TRP A 26 0.64 13.25 -3.23
C TRP A 26 1.92 13.45 -4.06
N GLU A 27 2.92 12.61 -3.86
N GLU A 27 2.90 12.59 -3.86
CA GLU A 27 4.15 12.81 -4.62
CA GLU A 27 4.15 12.69 -4.59
C GLU A 27 3.94 12.61 -6.12
C GLU A 27 3.90 12.63 -6.10
N GLY A 28 3.08 11.66 -6.50
CA GLY A 28 2.79 11.45 -7.91
C GLY A 28 2.02 12.62 -8.49
N ILE A 29 1.06 13.15 -7.75
CA ILE A 29 0.29 14.28 -8.24
C ILE A 29 1.22 15.49 -8.39
N SER A 30 2.10 15.65 -7.42
CA SER A 30 3.05 16.75 -7.41
C SER A 30 4.01 16.66 -8.59
N ARG A 31 4.47 15.45 -8.91
CA ARG A 31 5.37 15.33 -10.06
C ARG A 31 4.63 15.71 -11.34
N PHE A 32 3.40 15.23 -11.49
CA PHE A 32 2.66 15.55 -12.69
C PHE A 32 2.58 17.06 -12.84
N ALA A 33 2.18 17.75 -11.78
CA ALA A 33 2.05 19.22 -11.81
C ALA A 33 3.35 19.94 -12.14
N GLN A 34 4.43 19.57 -11.46
CA GLN A 34 5.70 20.20 -11.71
C GLN A 34 6.16 20.00 -13.15
N GLU A 35 6.02 18.79 -13.69
CA GLU A 35 6.47 18.48 -15.04
C GLU A 35 5.58 19.01 -16.16
N ASN A 36 4.35 19.38 -15.83
CA ASN A 36 3.45 19.87 -16.85
C ASN A 36 2.99 21.31 -16.67
N ASN A 37 3.68 22.04 -15.81
CA ASN A 37 3.34 23.44 -15.56
C ASN A 37 1.90 23.55 -15.12
N ALA A 38 1.47 22.66 -14.22
CA ALA A 38 0.10 22.68 -13.75
C ALA A 38 0.11 22.87 -12.24
N LYS A 39 -1.05 22.72 -11.60
CA LYS A 39 -1.13 22.92 -10.16
C LYS A 39 -1.89 21.82 -9.42
N CYS A 40 -1.66 21.76 -8.12
CA CYS A 40 -2.32 20.76 -7.31
C CYS A 40 -2.54 21.18 -5.88
N LYS A 41 -3.50 20.54 -5.24
CA LYS A 41 -3.80 20.83 -3.85
C LYS A 41 -4.50 19.65 -3.25
N TYR A 42 -4.58 19.60 -1.92
CA TYR A 42 -5.28 18.51 -1.30
C TYR A 42 -6.10 18.97 -0.11
N VAL A 43 -7.00 18.11 0.33
CA VAL A 43 -7.84 18.39 1.48
C VAL A 43 -8.04 17.08 2.24
N THR A 44 -8.14 17.19 3.56
CA THR A 44 -8.35 16.02 4.41
C THR A 44 -9.80 15.91 4.82
N ALA A 45 -10.35 14.70 4.73
CA ALA A 45 -11.71 14.45 5.11
C ALA A 45 -11.66 13.48 6.30
N SER A 46 -11.21 14.02 7.44
CA SER A 46 -11.09 13.26 8.69
C SER A 46 -12.29 12.34 8.92
N THR A 47 -13.48 12.92 8.88
CA THR A 47 -14.71 12.16 9.09
C THR A 47 -15.51 12.03 7.81
N ASP A 48 -16.39 11.03 7.76
CA ASP A 48 -17.19 10.83 6.56
C ASP A 48 -18.24 11.91 6.29
N ALA A 49 -18.52 12.76 7.28
CA ALA A 49 -19.51 13.82 7.07
C ALA A 49 -18.91 14.83 6.10
N GLU A 50 -17.59 14.77 5.94
CA GLU A 50 -16.85 15.67 5.06
C GLU A 50 -16.63 15.10 3.65
N TYR A 51 -16.78 13.79 3.46
CA TYR A 51 -16.54 13.17 2.15
C TYR A 51 -17.29 13.81 0.99
N VAL A 52 -18.61 13.86 1.08
CA VAL A 52 -19.41 14.43 0.01
C VAL A 52 -19.15 15.93 -0.21
N PRO A 53 -19.19 16.74 0.87
CA PRO A 53 -18.93 18.16 0.61
C PRO A 53 -17.54 18.48 0.07
N SER A 54 -16.55 17.66 0.44
CA SER A 54 -15.18 17.88 -0.03
C SER A 54 -15.05 17.59 -1.52
N LEU A 55 -15.61 16.47 -1.97
CA LEU A 55 -15.57 16.14 -3.39
C LEU A 55 -16.38 17.17 -4.17
N SER A 56 -17.53 17.56 -3.60
CA SER A 56 -18.39 18.54 -4.26
C SER A 56 -17.72 19.89 -4.48
N ALA A 57 -17.01 20.39 -3.48
CA ALA A 57 -16.36 21.68 -3.61
C ALA A 57 -15.35 21.68 -4.76
N PHE A 58 -14.57 20.60 -4.84
CA PHE A 58 -13.58 20.47 -5.90
C PHE A 58 -14.27 20.40 -7.24
N ALA A 59 -15.36 19.63 -7.31
CA ALA A 59 -16.11 19.55 -8.56
C ALA A 59 -16.66 20.95 -8.90
N ASP A 60 -17.08 21.71 -7.89
CA ASP A 60 -17.58 23.05 -8.17
C ASP A 60 -16.51 24.03 -8.68
N GLU A 61 -15.23 23.74 -8.44
CA GLU A 61 -14.18 24.61 -8.93
C GLU A 61 -13.70 24.16 -10.32
N ASN A 62 -14.42 23.22 -10.92
CA ASN A 62 -14.07 22.69 -12.25
C ASN A 62 -12.61 22.30 -12.35
N MET A 63 -12.19 21.41 -11.47
CA MET A 63 -10.82 20.94 -11.47
C MET A 63 -10.56 20.04 -12.64
N GLY A 64 -9.29 19.93 -13.06
CA GLY A 64 -8.97 19.06 -14.15
C GLY A 64 -9.25 17.60 -13.75
N LEU A 65 -8.92 17.26 -12.51
CA LEU A 65 -9.13 15.91 -12.00
C LEU A 65 -9.25 15.91 -10.48
N VAL A 66 -10.21 15.16 -9.97
CA VAL A 66 -10.40 15.02 -8.51
C VAL A 66 -9.90 13.60 -8.17
N VAL A 67 -8.96 13.49 -7.24
CA VAL A 67 -8.41 12.18 -6.85
C VAL A 67 -8.87 11.81 -5.45
N ALA A 68 -9.56 10.67 -5.32
CA ALA A 68 -10.03 10.20 -4.02
C ALA A 68 -9.25 8.95 -3.58
N CYS A 69 -8.62 9.01 -2.42
CA CYS A 69 -7.84 7.87 -1.93
C CYS A 69 -8.51 6.89 -0.97
N GLY A 70 -8.53 5.62 -1.33
CA GLY A 70 -9.09 4.63 -0.43
C GLY A 70 -10.54 4.26 -0.47
N SER A 71 -10.80 3.10 0.10
CA SER A 71 -12.11 2.50 0.19
C SER A 71 -13.16 3.32 0.94
N PHE A 72 -12.73 4.15 1.88
CA PHE A 72 -13.69 4.93 2.65
C PHE A 72 -14.44 5.97 1.85
N LEU A 73 -13.80 6.50 0.82
CA LEU A 73 -14.40 7.56 -0.02
C LEU A 73 -15.21 7.05 -1.21
N VAL A 74 -15.21 5.75 -1.42
N VAL A 74 -15.21 5.74 -1.44
CA VAL A 74 -15.92 5.17 -2.54
CA VAL A 74 -15.91 5.18 -2.59
C VAL A 74 -17.40 5.52 -2.63
C VAL A 74 -17.42 5.42 -2.66
N GLU A 75 -18.11 5.32 -1.54
CA GLU A 75 -19.55 5.59 -1.57
C GLU A 75 -19.78 7.05 -2.01
N ALA A 76 -19.00 7.99 -1.46
CA ALA A 76 -19.13 9.41 -1.83
C ALA A 76 -18.77 9.66 -3.30
N VAL A 77 -17.75 8.98 -3.80
CA VAL A 77 -17.41 9.18 -5.22
C VAL A 77 -18.52 8.65 -6.13
N ILE A 78 -19.06 7.48 -5.81
CA ILE A 78 -20.12 6.90 -6.61
C ILE A 78 -21.26 7.90 -6.79
N GLU A 79 -21.65 8.54 -5.68
CA GLU A 79 -22.77 9.47 -5.73
C GLU A 79 -22.45 10.79 -6.40
N THR A 80 -21.32 11.35 -6.01
CA THR A 80 -20.86 12.63 -6.51
C THR A 80 -20.54 12.61 -8.00
N SER A 81 -19.95 11.51 -8.47
CA SER A 81 -19.63 11.42 -9.88
C SER A 81 -20.90 11.46 -10.76
N ALA A 82 -22.02 10.95 -10.23
CA ALA A 82 -23.29 10.96 -10.95
C ALA A 82 -23.87 12.39 -10.98
N ARG A 83 -23.59 13.17 -9.92
CA ARG A 83 -24.08 14.55 -9.83
C ARG A 83 -23.30 15.51 -10.73
N PHE A 84 -22.03 15.19 -10.97
CA PHE A 84 -21.19 16.04 -11.80
C PHE A 84 -20.65 15.19 -12.94
N PRO A 85 -21.53 14.80 -13.88
CA PRO A 85 -21.10 13.96 -15.01
C PRO A 85 -19.95 14.47 -15.88
N LYS A 86 -19.68 15.77 -15.83
CA LYS A 86 -18.62 16.35 -16.63
C LYS A 86 -17.30 16.47 -15.88
N GLN A 87 -17.29 16.14 -14.59
CA GLN A 87 -16.06 16.21 -13.81
C GLN A 87 -15.36 14.85 -13.83
N LYS A 88 -14.05 14.84 -14.02
CA LYS A 88 -13.32 13.57 -14.01
C LYS A 88 -12.87 13.27 -12.59
N PHE A 89 -12.99 11.98 -12.22
CA PHE A 89 -12.57 11.51 -10.91
C PHE A 89 -11.67 10.31 -11.05
N LEU A 90 -10.69 10.23 -10.15
CA LEU A 90 -9.81 9.07 -10.09
C LEU A 90 -9.93 8.51 -8.68
N VAL A 91 -10.26 7.22 -8.58
N VAL A 91 -10.28 7.23 -8.55
CA VAL A 91 -10.35 6.53 -7.29
CA VAL A 91 -10.32 6.64 -7.21
C VAL A 91 -9.11 5.63 -7.17
C VAL A 91 -9.17 5.64 -7.13
N ILE A 92 -8.38 5.75 -6.07
CA ILE A 92 -7.22 4.89 -5.88
C ILE A 92 -7.48 3.91 -4.75
N ASP A 93 -7.24 2.62 -5.01
CA ASP A 93 -7.44 1.56 -4.01
C ASP A 93 -8.86 1.05 -3.84
N ALA A 94 -9.75 1.33 -4.80
CA ALA A 94 -11.14 0.87 -4.71
C ALA A 94 -11.73 0.88 -6.10
N VAL A 95 -12.89 0.28 -6.25
CA VAL A 95 -13.52 0.15 -7.56
C VAL A 95 -14.88 0.81 -7.66
N VAL A 96 -15.07 1.53 -8.76
CA VAL A 96 -16.35 2.17 -9.03
C VAL A 96 -16.85 1.67 -10.37
N GLN A 97 -18.11 1.27 -10.43
CA GLN A 97 -18.70 0.77 -11.68
C GLN A 97 -19.77 1.73 -12.17
N ASP A 98 -20.13 1.61 -13.45
CA ASP A 98 -21.21 2.40 -14.04
C ASP A 98 -21.05 3.93 -14.04
N ARG A 99 -19.82 4.41 -14.10
CA ARG A 99 -19.58 5.87 -14.15
C ARG A 99 -18.54 6.11 -15.24
N ASP A 100 -18.97 6.70 -16.34
CA ASP A 100 -18.04 6.94 -17.43
C ASP A 100 -17.04 8.07 -17.16
N ASN A 101 -17.24 8.80 -16.05
CA ASN A 101 -16.32 9.89 -15.67
C ASN A 101 -15.38 9.50 -14.51
N VAL A 102 -15.38 8.22 -14.17
CA VAL A 102 -14.52 7.72 -13.10
C VAL A 102 -13.55 6.66 -13.56
N VAL A 103 -12.30 6.78 -13.13
CA VAL A 103 -11.30 5.75 -13.44
C VAL A 103 -10.94 5.16 -12.08
N SER A 104 -10.86 3.83 -12.01
CA SER A 104 -10.51 3.13 -10.77
C SER A 104 -9.12 2.51 -10.89
N ALA A 105 -8.20 2.90 -10.00
CA ALA A 105 -6.85 2.34 -10.05
C ALA A 105 -6.71 1.32 -8.92
N VAL A 106 -6.49 0.05 -9.27
CA VAL A 106 -6.35 -0.99 -8.25
C VAL A 106 -5.00 -1.66 -8.37
N PHE A 107 -4.52 -2.26 -7.27
CA PHE A 107 -3.18 -2.87 -7.28
C PHE A 107 -3.17 -4.38 -6.96
N GLY A 108 -2.28 -5.12 -7.64
CA GLY A 108 -2.22 -6.55 -7.37
C GLY A 108 -1.38 -6.74 -6.12
N GLN A 109 -1.82 -6.18 -5.00
CA GLN A 109 -1.02 -6.25 -3.80
C GLN A 109 -0.91 -7.65 -3.24
N ASN A 110 -1.80 -8.56 -3.64
CA ASN A 110 -1.63 -9.96 -3.18
C ASN A 110 -0.38 -10.54 -3.87
N GLU A 111 -0.18 -10.24 -5.15
CA GLU A 111 1.00 -10.77 -5.86
C GLU A 111 2.29 -10.23 -5.28
N GLY A 112 2.35 -8.92 -5.02
CA GLY A 112 3.55 -8.36 -4.45
C GLY A 112 3.80 -8.87 -3.03
N SER A 113 2.75 -9.06 -2.25
CA SER A 113 2.91 -9.57 -0.88
C SER A 113 3.42 -11.02 -0.86
N PHE A 114 3.11 -11.77 -1.92
CA PHE A 114 3.61 -13.15 -1.99
C PHE A 114 5.15 -13.07 -1.93
N LEU A 115 5.70 -12.11 -2.65
CA LEU A 115 7.17 -11.99 -2.70
C LEU A 115 7.79 -11.69 -1.33
N VAL A 116 7.19 -10.79 -0.52
CA VAL A 116 7.79 -10.53 0.77
C VAL A 116 7.49 -11.67 1.77
N GLY A 117 6.45 -12.46 1.47
CA GLY A 117 6.16 -13.64 2.27
C GLY A 117 7.31 -14.64 2.07
N VAL A 118 7.80 -14.77 0.84
CA VAL A 118 8.93 -15.67 0.62
C VAL A 118 10.13 -15.16 1.44
N ALA A 119 10.42 -13.87 1.34
CA ALA A 119 11.55 -13.33 2.10
C ALA A 119 11.37 -13.54 3.62
N ALA A 120 10.15 -13.35 4.10
CA ALA A 120 9.92 -13.54 5.52
C ALA A 120 10.17 -14.97 5.99
N ALA A 121 9.62 -15.93 5.24
CA ALA A 121 9.75 -17.34 5.59
C ALA A 121 11.23 -17.76 5.53
N LEU A 122 11.97 -17.26 4.57
CA LEU A 122 13.39 -17.63 4.52
C LEU A 122 14.19 -17.07 5.72
N LYS A 123 13.93 -15.82 6.10
CA LYS A 123 14.62 -15.22 7.25
C LYS A 123 14.17 -15.90 8.55
N ALA A 124 12.91 -16.30 8.65
CA ALA A 124 12.44 -16.97 9.86
C ALA A 124 13.15 -18.32 10.02
N LYS A 125 13.22 -19.07 8.91
CA LYS A 125 13.86 -20.38 8.90
C LYS A 125 15.31 -20.29 9.29
N GLU A 126 15.92 -19.18 8.87
CA GLU A 126 17.31 -18.89 9.13
C GLU A 126 17.54 -18.87 10.65
N ALA A 127 16.52 -18.46 11.41
CA ALA A 127 16.63 -18.38 12.87
C ALA A 127 15.91 -19.52 13.58
N GLY A 128 15.46 -20.52 12.84
CA GLY A 128 14.74 -21.64 13.42
C GLY A 128 13.35 -21.30 13.94
N LYS A 129 12.75 -20.23 13.40
CA LYS A 129 11.40 -19.80 13.83
C LYS A 129 10.34 -20.44 12.96
N SER A 130 9.19 -20.77 13.54
CA SER A 130 8.12 -21.35 12.73
C SER A 130 6.85 -20.51 12.76
N ALA A 131 7.02 -19.21 13.01
CA ALA A 131 5.92 -18.24 13.00
C ALA A 131 6.48 -16.89 12.56
N VAL A 132 5.69 -16.11 11.80
CA VAL A 132 6.07 -14.77 11.38
C VAL A 132 4.84 -13.89 11.72
N GLY A 133 5.03 -12.59 11.84
CA GLY A 133 3.89 -11.75 12.20
C GLY A 133 3.41 -10.90 11.04
N PHE A 134 2.20 -10.33 11.17
CA PHE A 134 1.62 -9.54 10.11
C PHE A 134 0.72 -8.53 10.83
N ILE A 135 0.90 -7.26 10.58
CA ILE A 135 0.09 -6.22 11.25
C ILE A 135 -0.57 -5.41 10.13
N VAL A 136 -1.89 -5.37 10.13
CA VAL A 136 -2.58 -4.66 9.06
C VAL A 136 -3.42 -3.53 9.66
N GLY A 137 -3.44 -2.40 8.97
CA GLY A 137 -4.16 -1.22 9.45
C GLY A 137 -5.66 -1.41 9.64
N MET A 138 -6.32 -1.91 8.60
CA MET A 138 -7.76 -2.17 8.59
C MET A 138 -7.96 -3.24 7.56
N GLU A 139 -9.10 -3.93 7.61
CA GLU A 139 -9.39 -5.00 6.67
C GLU A 139 -10.52 -4.77 5.68
N LEU A 140 -10.94 -3.52 5.53
CA LEU A 140 -12.00 -3.21 4.57
C LEU A 140 -11.48 -3.16 3.16
N GLY A 141 -12.38 -3.09 2.19
CA GLY A 141 -11.98 -2.98 0.80
C GLY A 141 -11.11 -4.11 0.30
N MET A 142 -10.04 -3.72 -0.38
CA MET A 142 -9.11 -4.65 -0.98
C MET A 142 -7.96 -4.98 -0.03
N MET A 143 -8.03 -4.48 1.20
CA MET A 143 -6.97 -4.74 2.16
C MET A 143 -6.66 -6.21 2.40
N PRO A 144 -7.68 -7.11 2.41
CA PRO A 144 -7.39 -8.53 2.66
C PRO A 144 -6.42 -9.17 1.66
N LEU A 145 -6.21 -8.53 0.51
CA LEU A 145 -5.28 -9.08 -0.49
C LEU A 145 -3.84 -9.20 0.07
N PHE A 146 -3.47 -8.25 0.93
CA PHE A 146 -2.10 -8.28 1.48
C PHE A 146 -1.88 -9.58 2.28
N GLU A 147 -2.78 -9.88 3.22
CA GLU A 147 -2.59 -11.10 4.00
C GLU A 147 -2.68 -12.35 3.12
N ALA A 148 -3.58 -12.33 2.13
CA ALA A 148 -3.75 -13.49 1.28
C ALA A 148 -2.45 -13.84 0.57
N GLY A 149 -1.81 -12.82 0.00
CA GLY A 149 -0.55 -13.03 -0.72
C GLY A 149 0.58 -13.34 0.22
N PHE A 150 0.65 -12.65 1.37
CA PHE A 150 1.76 -12.88 2.31
C PHE A 150 1.74 -14.34 2.78
N GLU A 151 0.57 -14.83 3.19
CA GLU A 151 0.43 -16.21 3.65
C GLU A 151 0.84 -17.20 2.55
N ALA A 152 0.40 -16.91 1.33
CA ALA A 152 0.71 -17.78 0.19
C ALA A 152 2.22 -17.87 -0.03
N GLY A 153 2.93 -16.74 0.03
CA GLY A 153 4.39 -16.74 -0.15
C GLY A 153 5.09 -17.49 0.98
N VAL A 154 4.64 -17.28 2.23
CA VAL A 154 5.23 -17.99 3.36
C VAL A 154 5.06 -19.50 3.17
N LYS A 155 3.83 -19.92 2.84
CA LYS A 155 3.56 -21.36 2.69
C LYS A 155 4.30 -21.98 1.52
N ALA A 156 4.58 -21.17 0.49
CA ALA A 156 5.30 -21.68 -0.68
C ALA A 156 6.71 -22.07 -0.30
N VAL A 157 7.21 -21.49 0.78
CA VAL A 157 8.54 -21.81 1.27
C VAL A 157 8.46 -22.94 2.28
N ASP A 158 7.54 -22.86 3.24
CA ASP A 158 7.41 -23.92 4.25
C ASP A 158 6.01 -23.86 4.83
N PRO A 159 5.17 -24.83 4.47
CA PRO A 159 3.77 -24.95 4.91
C PRO A 159 3.59 -24.98 6.43
N ASP A 160 4.66 -25.30 7.15
CA ASP A 160 4.54 -25.37 8.60
C ASP A 160 4.68 -24.06 9.35
N ILE A 161 5.15 -23.00 8.67
CA ILE A 161 5.31 -21.70 9.33
C ILE A 161 3.93 -21.05 9.43
N GLN A 162 3.59 -20.58 10.64
CA GLN A 162 2.30 -19.95 10.88
C GLN A 162 2.43 -18.44 10.77
N VAL A 163 1.34 -17.78 10.33
CA VAL A 163 1.31 -16.33 10.21
C VAL A 163 0.41 -15.89 11.38
N VAL A 164 0.91 -14.97 12.20
CA VAL A 164 0.15 -14.48 13.36
C VAL A 164 -0.29 -13.09 12.95
N VAL A 165 -1.61 -12.86 12.92
CA VAL A 165 -2.15 -11.59 12.48
C VAL A 165 -2.67 -10.66 13.59
N GLU A 166 -2.35 -9.37 13.51
CA GLU A 166 -2.88 -8.35 14.44
C GLU A 166 -3.48 -7.23 13.57
N VAL A 167 -4.67 -6.75 13.93
CA VAL A 167 -5.33 -5.69 13.17
C VAL A 167 -5.39 -4.45 14.05
N ALA A 168 -4.89 -3.33 13.53
CA ALA A 168 -4.86 -2.10 14.33
C ALA A 168 -6.17 -1.32 14.30
N ASN A 169 -6.91 -1.47 13.21
N ASN A 169 -6.90 -1.45 13.21
CA ASN A 169 -8.16 -0.77 12.92
CA ASN A 169 -8.14 -0.73 13.02
C ASN A 169 -8.00 0.76 12.77
C ASN A 169 -7.92 0.78 12.96
N THR A 170 -6.84 1.16 12.29
CA THR A 170 -6.50 2.57 12.06
C THR A 170 -5.19 2.65 11.28
N PHE A 171 -5.10 3.63 10.38
CA PHE A 171 -3.89 3.90 9.60
C PHE A 171 -3.15 5.13 10.14
N SER A 172 -3.62 5.72 11.24
N SER A 172 -3.66 5.71 11.23
CA SER A 172 -2.98 6.92 11.78
CA SER A 172 -3.06 6.92 11.79
C SER A 172 -2.63 6.90 13.26
C SER A 172 -2.77 6.87 13.29
N ASP A 173 -2.24 5.75 13.79
CA ASP A 173 -1.92 5.66 15.21
C ASP A 173 -0.64 4.88 15.48
N PRO A 174 0.52 5.55 15.38
CA PRO A 174 1.81 4.88 15.60
C PRO A 174 1.96 4.25 16.98
N GLN A 175 1.30 4.83 17.98
CA GLN A 175 1.38 4.27 19.32
C GLN A 175 0.81 2.84 19.29
N LYS A 176 -0.31 2.67 18.58
CA LYS A 176 -0.95 1.36 18.44
C LYS A 176 -0.04 0.42 17.63
N GLY A 177 0.57 0.95 16.58
CA GLY A 177 1.49 0.15 15.78
C GLY A 177 2.61 -0.39 16.66
N GLN A 178 3.16 0.46 17.52
CA GLN A 178 4.26 0.02 18.39
C GLN A 178 3.79 -1.04 19.38
N ALA A 179 2.61 -0.83 19.96
CA ALA A 179 2.09 -1.80 20.94
C ALA A 179 1.86 -3.18 20.32
N LEU A 180 1.32 -3.20 19.10
CA LEU A 180 1.04 -4.47 18.43
C LEU A 180 2.33 -5.15 18.00
N ALA A 181 3.33 -4.36 17.65
CA ALA A 181 4.63 -4.93 17.25
C ALA A 181 5.28 -5.53 18.52
N ALA A 182 5.17 -4.83 19.64
CA ALA A 182 5.77 -5.31 20.88
C ALA A 182 5.14 -6.63 21.27
N LYS A 183 3.82 -6.74 21.11
CA LYS A 183 3.10 -7.97 21.44
C LYS A 183 3.61 -9.16 20.61
N LEU A 184 3.78 -8.94 19.31
CA LEU A 184 4.28 -9.99 18.41
C LEU A 184 5.73 -10.35 18.70
N TYR A 185 6.60 -9.36 18.86
CA TYR A 185 8.01 -9.66 19.15
C TYR A 185 8.17 -10.33 20.51
N ASP A 186 7.38 -9.88 21.49
CA ASP A 186 7.45 -10.50 22.84
C ASP A 186 7.04 -11.98 22.76
N SER A 187 6.27 -12.37 21.74
CA SER A 187 5.84 -13.79 21.62
C SER A 187 6.93 -14.68 21.00
N GLY A 188 7.99 -14.07 20.47
CA GLY A 188 9.07 -14.84 19.89
C GLY A 188 9.24 -14.72 18.37
N VAL A 189 8.30 -14.04 17.75
CA VAL A 189 8.32 -13.78 16.31
C VAL A 189 9.57 -12.94 16.00
N ASN A 190 10.24 -13.18 14.87
CA ASN A 190 11.40 -12.36 14.53
C ASN A 190 11.20 -11.52 13.27
N VAL A 191 10.09 -11.71 12.56
CA VAL A 191 9.82 -10.91 11.36
C VAL A 191 8.36 -10.49 11.36
N ILE A 192 8.10 -9.21 11.08
CA ILE A 192 6.71 -8.71 11.00
C ILE A 192 6.56 -7.91 9.71
N PHE A 193 5.56 -8.26 8.91
CA PHE A 193 5.25 -7.50 7.68
C PHE A 193 4.19 -6.49 8.14
N GLN A 194 4.44 -5.18 7.96
CA GLN A 194 3.45 -4.18 8.38
C GLN A 194 2.79 -3.57 7.14
N VAL A 195 1.46 -3.51 7.16
CA VAL A 195 0.67 -2.96 6.05
C VAL A 195 -0.27 -2.03 6.76
N ALA A 196 0.27 -0.95 7.30
CA ALA A 196 -0.56 -0.11 8.16
C ALA A 196 -0.42 1.39 8.01
N GLY A 197 0.06 1.85 6.86
CA GLY A 197 0.20 3.28 6.65
C GLY A 197 0.92 3.97 7.80
N GLY A 198 0.39 5.11 8.24
CA GLY A 198 1.02 5.86 9.32
C GLY A 198 1.27 5.06 10.59
N THR A 199 0.31 4.21 10.94
CA THR A 199 0.40 3.33 12.11
C THR A 199 1.68 2.49 11.99
N GLY A 200 1.97 2.09 10.76
CA GLY A 200 3.16 1.29 10.49
C GLY A 200 4.46 1.95 10.91
N ASN A 201 4.49 3.28 10.99
CA ASN A 201 5.74 3.93 11.42
C ASN A 201 6.08 3.57 12.86
N GLY A 202 5.05 3.25 13.64
CA GLY A 202 5.26 2.81 15.01
C GLY A 202 5.82 1.40 15.06
N VAL A 203 5.44 0.57 14.08
CA VAL A 203 5.93 -0.81 14.02
C VAL A 203 7.42 -0.74 13.70
N ILE A 204 7.79 0.12 12.76
CA ILE A 204 9.21 0.25 12.39
C ILE A 204 10.02 0.78 13.57
N LYS A 205 9.48 1.75 14.31
CA LYS A 205 10.16 2.28 15.50
C LYS A 205 10.42 1.18 16.53
N GLU A 206 9.42 0.35 16.80
CA GLU A 206 9.57 -0.74 17.78
C GLU A 206 10.69 -1.70 17.37
N ALA A 207 10.73 -2.05 16.09
CA ALA A 207 11.75 -2.95 15.57
C ALA A 207 13.13 -2.29 15.76
N ARG A 208 13.24 -0.99 15.43
CA ARG A 208 14.51 -0.28 15.62
C ARG A 208 14.99 -0.32 17.06
N ASP A 209 14.04 -0.11 17.99
CA ASP A 209 14.36 -0.10 19.41
C ASP A 209 14.82 -1.49 19.88
N ARG A 210 14.17 -2.53 19.37
CA ARG A 210 14.53 -3.89 19.75
C ARG A 210 15.93 -4.25 19.25
N ARG A 211 16.21 -3.93 17.99
CA ARG A 211 17.52 -4.26 17.44
C ARG A 211 18.66 -3.51 18.14
N LEU A 212 18.37 -2.25 18.48
CA LEU A 212 19.32 -1.39 19.17
C LEU A 212 19.79 -2.10 20.45
N ASN A 213 18.88 -2.80 21.12
CA ASN A 213 19.23 -3.54 22.34
C ASN A 213 19.49 -5.05 22.12
N GLY A 214 20.03 -5.39 20.95
CA GLY A 214 20.40 -6.76 20.69
C GLY A 214 19.39 -7.86 20.44
N GLN A 215 18.15 -7.50 20.06
CA GLN A 215 17.16 -8.53 19.74
C GLN A 215 17.21 -8.64 18.23
N ASP A 216 17.34 -9.86 17.74
CA ASP A 216 17.47 -10.08 16.31
C ASP A 216 16.11 -10.11 15.62
N VAL A 217 15.51 -8.93 15.47
CA VAL A 217 14.20 -8.79 14.84
C VAL A 217 14.26 -8.03 13.52
N TRP A 218 13.17 -8.16 12.75
CA TRP A 218 13.07 -7.54 11.44
C TRP A 218 11.66 -7.06 11.16
N VAL A 219 11.56 -6.10 10.25
CA VAL A 219 10.26 -5.63 9.79
C VAL A 219 10.29 -5.50 8.26
N ILE A 220 9.14 -5.75 7.61
CA ILE A 220 9.04 -5.60 6.14
C ILE A 220 8.13 -4.40 5.96
N GLY A 221 8.60 -3.40 5.20
CA GLY A 221 7.79 -2.19 5.00
C GLY A 221 6.77 -2.31 3.87
N VAL A 222 6.09 -1.20 3.56
CA VAL A 222 5.05 -1.21 2.55
C VAL A 222 4.93 0.17 1.88
N ASP A 223 4.37 0.18 0.67
CA ASP A 223 4.10 1.37 -0.17
C ASP A 223 5.34 1.98 -0.76
N ARG A 224 6.21 2.52 0.10
CA ARG A 224 7.51 3.08 -0.32
C ARG A 224 8.61 2.06 0.01
N ASP A 225 9.80 2.27 -0.55
CA ASP A 225 10.95 1.47 -0.14
C ASP A 225 11.34 2.14 1.21
N GLN A 226 11.00 1.49 2.32
CA GLN A 226 11.24 2.01 3.65
C GLN A 226 12.56 1.62 4.30
N TYR A 227 13.51 1.16 3.51
CA TYR A 227 14.79 0.75 4.06
C TYR A 227 15.45 1.81 4.96
N MET A 228 15.54 3.06 4.49
CA MET A 228 16.20 4.07 5.31
C MET A 228 15.46 4.40 6.61
N ASP A 229 14.13 4.25 6.59
CA ASP A 229 13.30 4.53 7.75
C ASP A 229 13.68 3.60 8.91
N GLY A 230 14.35 2.49 8.61
CA GLY A 230 14.68 1.54 9.65
C GLY A 230 16.11 1.56 10.18
N VAL A 231 16.92 2.52 9.76
CA VAL A 231 18.32 2.59 10.24
C VAL A 231 18.33 2.88 11.76
N TYR A 232 18.97 2.00 12.53
CA TYR A 232 18.97 2.10 13.99
C TYR A 232 20.31 2.30 14.70
N ASP A 233 21.42 2.12 14.00
CA ASP A 233 22.70 2.28 14.68
C ASP A 233 23.65 3.10 13.83
N GLY A 234 23.09 3.75 12.82
CA GLY A 234 23.93 4.55 11.95
C GLY A 234 24.26 3.86 10.64
N SER A 235 24.45 2.55 10.70
CA SER A 235 24.78 1.77 9.50
C SER A 235 23.62 0.84 9.09
N LYS A 236 23.36 -0.14 9.94
CA LYS A 236 22.36 -1.14 9.67
C LYS A 236 20.89 -0.75 9.75
N SER A 237 20.04 -1.48 9.02
CA SER A 237 18.59 -1.22 9.04
C SER A 237 17.83 -2.46 9.46
N VAL A 238 16.73 -2.26 10.18
CA VAL A 238 15.90 -3.37 10.60
C VAL A 238 14.87 -3.77 9.51
N VAL A 239 14.79 -3.01 8.44
CA VAL A 239 13.85 -3.29 7.36
C VAL A 239 14.45 -4.34 6.42
N LEU A 240 13.87 -5.54 6.45
CA LEU A 240 14.34 -6.69 5.64
C LEU A 240 14.18 -6.38 4.14
N THR A 241 13.00 -5.87 3.78
CA THR A 241 12.67 -5.43 2.43
C THR A 241 11.32 -4.70 2.57
N SER A 242 10.67 -4.33 1.46
CA SER A 242 9.37 -3.62 1.50
C SER A 242 8.47 -4.07 0.34
N MET A 243 7.17 -4.07 0.57
CA MET A 243 6.24 -4.41 -0.52
C MET A 243 5.89 -3.04 -1.12
N VAL A 244 6.62 -2.65 -2.15
CA VAL A 244 6.43 -1.36 -2.80
C VAL A 244 5.14 -1.35 -3.62
N LYS A 245 4.40 -0.23 -3.55
CA LYS A 245 3.13 -0.11 -4.27
C LYS A 245 3.17 1.29 -4.88
N ARG A 246 3.31 1.34 -6.21
CA ARG A 246 3.45 2.60 -6.91
C ARG A 246 2.20 3.44 -7.16
N ALA A 247 1.52 3.79 -6.08
CA ALA A 247 0.34 4.63 -6.19
C ALA A 247 0.77 6.01 -6.77
N ASP A 248 2.05 6.36 -6.64
CA ASP A 248 2.52 7.63 -7.18
C ASP A 248 2.46 7.58 -8.71
N VAL A 249 2.91 6.46 -9.28
CA VAL A 249 2.90 6.30 -10.74
C VAL A 249 1.46 6.32 -11.27
N ALA A 250 0.57 5.62 -10.56
CA ALA A 250 -0.82 5.58 -10.97
C ALA A 250 -1.39 7.00 -11.00
N ALA A 251 -1.18 7.76 -9.92
CA ALA A 251 -1.71 9.12 -9.82
C ALA A 251 -1.13 10.03 -10.91
N GLU A 252 0.17 9.92 -11.12
CA GLU A 252 0.83 10.77 -12.10
C GLU A 252 0.37 10.45 -13.52
N ARG A 253 0.33 9.16 -13.85
CA ARG A 253 -0.07 8.75 -15.19
C ARG A 253 -1.49 9.05 -15.58
N ILE A 254 -2.43 8.85 -14.66
CA ILE A 254 -3.84 9.10 -14.95
C ILE A 254 -4.10 10.61 -14.93
N SER A 255 -3.36 11.35 -14.10
CA SER A 255 -3.51 12.81 -14.15
C SER A 255 -3.09 13.28 -15.56
N LYS A 256 -2.02 12.70 -16.10
CA LYS A 256 -1.55 13.08 -17.43
C LYS A 256 -2.57 12.73 -18.50
N MET A 257 -3.23 11.58 -18.39
CA MET A 257 -4.25 11.21 -19.37
C MET A 257 -5.39 12.21 -19.33
N ALA A 258 -5.80 12.62 -18.14
CA ALA A 258 -6.88 13.61 -18.02
C ALA A 258 -6.47 14.92 -18.70
N TYR A 259 -5.27 15.36 -18.40
CA TYR A 259 -4.70 16.61 -18.95
C TYR A 259 -4.65 16.57 -20.47
N ASP A 260 -4.30 15.40 -21.04
CA ASP A 260 -4.17 15.25 -22.50
C ASP A 260 -5.43 14.90 -23.30
N GLY A 261 -6.55 14.65 -22.61
CA GLY A 261 -7.78 14.33 -23.28
C GLY A 261 -8.05 12.85 -23.48
N SER A 262 -7.20 12.01 -22.93
CA SER A 262 -7.37 10.56 -23.10
C SER A 262 -7.77 9.85 -21.82
N PHE A 263 -8.46 10.56 -20.91
CA PHE A 263 -8.90 9.95 -19.65
C PHE A 263 -9.68 8.68 -20.02
N PRO A 264 -9.30 7.51 -19.46
CA PRO A 264 -10.00 6.25 -19.77
C PRO A 264 -11.25 6.06 -18.90
N GLY A 265 -12.15 7.03 -18.92
CA GLY A 265 -13.35 6.99 -18.11
C GLY A 265 -14.12 5.68 -18.13
N GLY A 266 -14.54 5.23 -16.95
CA GLY A 266 -15.30 4.00 -16.85
C GLY A 266 -14.47 2.73 -16.75
N GLN A 267 -13.15 2.89 -16.77
CA GLN A 267 -12.26 1.74 -16.72
C GLN A 267 -11.58 1.55 -15.38
N SER A 268 -11.33 0.27 -15.06
CA SER A 268 -10.59 -0.14 -13.86
C SER A 268 -9.23 -0.50 -14.46
N ILE A 269 -8.15 0.08 -13.93
CA ILE A 269 -6.81 -0.19 -14.43
C ILE A 269 -6.08 -0.92 -13.32
N MET A 270 -5.56 -2.12 -13.62
CA MET A 270 -4.83 -2.93 -12.64
C MET A 270 -3.33 -2.68 -12.75
N PHE A 271 -2.71 -2.26 -11.65
CA PHE A 271 -1.29 -1.99 -11.60
C PHE A 271 -0.73 -3.20 -10.85
N GLY A 272 -0.04 -4.07 -11.57
CA GLY A 272 0.46 -5.29 -10.95
C GLY A 272 1.94 -5.57 -11.05
N LEU A 273 2.30 -6.80 -10.78
CA LEU A 273 3.68 -7.23 -10.79
C LEU A 273 4.36 -7.06 -12.16
N GLU A 274 3.63 -7.32 -13.25
CA GLU A 274 4.29 -7.19 -14.54
C GLU A 274 4.53 -5.74 -14.95
N ASP A 275 3.71 -4.81 -14.45
CA ASP A 275 3.90 -3.38 -14.72
C ASP A 275 4.98 -2.88 -13.75
N LYS A 276 5.41 -3.74 -12.83
CA LYS A 276 6.39 -3.37 -11.82
C LYS A 276 5.78 -2.32 -10.89
N ALA A 277 4.45 -2.32 -10.80
CA ALA A 277 3.72 -1.39 -9.94
C ALA A 277 3.68 -1.86 -8.49
N VAL A 278 3.93 -3.15 -8.26
CA VAL A 278 4.03 -3.71 -6.92
C VAL A 278 5.21 -4.66 -6.98
N GLY A 279 5.74 -5.03 -5.81
CA GLY A 279 6.88 -5.94 -5.76
C GLY A 279 7.88 -5.45 -4.74
N ILE A 280 9.15 -5.82 -4.89
CA ILE A 280 10.15 -5.36 -3.93
C ILE A 280 11.09 -4.33 -4.58
N PRO A 281 11.88 -3.60 -3.77
CA PRO A 281 12.79 -2.60 -4.37
C PRO A 281 13.81 -3.27 -5.30
N GLU A 282 14.41 -2.51 -6.21
CA GLU A 282 15.40 -3.11 -7.11
C GLU A 282 16.66 -3.51 -6.33
N GLU A 283 17.00 -2.73 -5.31
CA GLU A 283 18.16 -3.00 -4.45
C GLU A 283 17.69 -3.35 -3.04
N ASN A 284 18.24 -4.41 -2.44
CA ASN A 284 17.86 -4.84 -1.08
C ASN A 284 19.09 -5.29 -0.29
N PRO A 285 19.73 -4.36 0.45
CA PRO A 285 20.93 -4.67 1.25
C PRO A 285 20.76 -5.80 2.23
N ASN A 286 19.56 -6.00 2.78
CA ASN A 286 19.33 -7.06 3.74
C ASN A 286 18.89 -8.41 3.13
N LEU A 287 18.81 -8.52 1.80
CA LEU A 287 18.44 -9.78 1.16
C LEU A 287 19.66 -10.36 0.43
N SER A 288 20.01 -11.61 0.72
CA SER A 288 21.16 -12.23 0.07
C SER A 288 20.84 -12.51 -1.40
N SER A 289 21.87 -12.75 -2.21
CA SER A 289 21.62 -13.03 -3.62
C SER A 289 20.81 -14.32 -3.80
N ALA A 290 20.99 -15.27 -2.88
CA ALA A 290 20.27 -16.55 -2.97
C ALA A 290 18.78 -16.34 -2.70
N VAL A 291 18.47 -15.52 -1.69
CA VAL A 291 17.09 -15.22 -1.38
C VAL A 291 16.50 -14.47 -2.58
N MET A 292 17.22 -13.49 -3.12
CA MET A 292 16.74 -12.75 -4.28
C MET A 292 16.43 -13.66 -5.49
N GLU A 293 17.24 -14.69 -5.70
CA GLU A 293 17.01 -15.60 -6.84
C GLU A 293 15.69 -16.31 -6.66
N LYS A 294 15.47 -16.80 -5.44
CA LYS A 294 14.24 -17.51 -5.12
C LYS A 294 13.05 -16.59 -5.36
N ILE A 295 13.14 -15.35 -4.89
CA ILE A 295 12.06 -14.42 -5.08
C ILE A 295 11.76 -14.10 -6.54
N ARG A 296 12.80 -13.91 -7.35
CA ARG A 296 12.57 -13.61 -8.76
C ARG A 296 11.99 -14.80 -9.49
N SER A 297 12.33 -16.01 -9.03
CA SER A 297 11.82 -17.23 -9.63
C SER A 297 10.30 -17.27 -9.43
N PHE A 298 9.85 -16.97 -8.23
CA PHE A 298 8.41 -16.96 -7.96
C PHE A 298 7.71 -15.84 -8.74
N GLU A 299 8.34 -14.67 -8.77
CA GLU A 299 7.79 -13.53 -9.48
C GLU A 299 7.49 -13.88 -10.94
N GLU A 300 8.39 -14.64 -11.55
CA GLU A 300 8.19 -15.04 -12.94
C GLU A 300 7.00 -15.99 -13.13
N LYS A 301 6.83 -16.90 -12.19
CA LYS A 301 5.72 -17.84 -12.28
C LYS A 301 4.39 -17.13 -12.02
N ILE A 302 4.40 -16.09 -11.18
CA ILE A 302 3.15 -15.38 -10.97
C ILE A 302 2.78 -14.56 -12.22
N VAL A 303 3.75 -13.87 -12.79
CA VAL A 303 3.48 -13.06 -13.97
C VAL A 303 2.97 -13.91 -15.16
N SER A 304 3.52 -15.11 -15.32
CA SER A 304 3.11 -16.00 -16.41
C SER A 304 1.81 -16.76 -16.11
N LYS A 305 1.33 -16.63 -14.89
CA LYS A 305 0.11 -17.31 -14.45
C LYS A 305 0.30 -18.79 -14.15
N GLU A 306 1.56 -19.21 -14.01
CA GLU A 306 1.85 -20.59 -13.65
C GLU A 306 1.38 -20.77 -12.20
N ILE A 307 1.41 -19.67 -11.45
CA ILE A 307 0.96 -19.66 -10.07
C ILE A 307 -0.08 -18.55 -9.94
N VAL A 308 -1.24 -18.84 -9.38
N VAL A 308 -1.23 -18.86 -9.34
CA VAL A 308 -2.18 -17.73 -9.20
CA VAL A 308 -2.26 -17.87 -9.15
C VAL A 308 -2.29 -17.58 -7.68
C VAL A 308 -2.28 -17.60 -7.63
N VAL A 309 -2.11 -16.34 -7.24
CA VAL A 309 -2.10 -15.99 -5.84
C VAL A 309 -3.53 -15.75 -5.41
N PRO A 310 -3.93 -16.35 -4.28
CA PRO A 310 -5.32 -16.13 -3.88
C PRO A 310 -5.59 -14.72 -3.46
N VAL A 311 -6.87 -14.37 -3.35
CA VAL A 311 -7.27 -13.04 -2.92
C VAL A 311 -7.74 -13.00 -1.46
N ARG A 312 -7.91 -14.18 -0.86
CA ARG A 312 -8.29 -14.26 0.54
C ARG A 312 -7.47 -15.36 1.22
N SER A 313 -7.06 -15.13 2.47
CA SER A 313 -6.27 -16.14 3.19
C SER A 313 -7.11 -17.33 3.62
N ALA A 314 -6.44 -18.44 3.94
CA ALA A 314 -7.11 -19.67 4.39
C ALA A 314 -8.11 -19.42 5.50
N ARG A 315 -7.73 -18.62 6.50
CA ARG A 315 -8.65 -18.38 7.61
C ARG A 315 -9.88 -17.57 7.24
N MET A 316 -9.84 -16.89 6.10
CA MET A 316 -10.96 -16.09 5.65
C MET A 316 -11.78 -16.78 4.55
N MET A 317 -11.41 -18.02 4.22
CA MET A 317 -12.12 -18.78 3.19
C MET A 317 -13.05 -19.82 3.81
N ASN A 318 -14.05 -20.25 3.04
CA ASN A 318 -14.97 -21.29 3.50
C ASN A 318 -14.27 -22.62 3.26
#